data_4BFM
#
_entry.id   4BFM
#
_cell.length_a   35.799
_cell.length_b   75.711
_cell.length_c   128.088
_cell.angle_alpha   90.00
_cell.angle_beta   90.00
_cell.angle_gamma   90.00
#
_symmetry.space_group_name_H-M   'P 21 21 21'
#
loop_
_entity.id
_entity.type
_entity.pdbx_description
1 polymer 'MATERNAL EMBRYONIC LEUCINE ZIPPER KINASE'
2 non-polymer 'PHOSPHOAMINOPHOSPHONIC ACID-ADENYLATE ESTER'
3 non-polymer 'SULFATE ION'
4 water water
#
_entity_poly.entity_id   1
_entity_poly.type   'polypeptide(L)'
_entity_poly.pdbx_seq_one_letter_code
;MKDYDELLKYYELYETIGTGGFAKVKLACHVLTGEMVAIKIMDKNALGSDLPRVKTEIDALKSLRHQHICQLYHVLETKN
KIFMVLEYCPGGELFDYIISQDRLSEEETRVVFRQILSAVAYVHSQGYAHRDLKPENLLFDENHKLKLIDFGLCAKPKGN
KDYHLQECCGSLAYAAPELIQGKSYLGSEADVWSMGILLYVLMCGFLPFDDDNVMALYKKIMRGKYEVPKWLSPSSILLL
QQMLQVDPKKRISMRNLLNHPWVMQDYSCPVEWQSKTPLTHLDEDCVTELSVHHRSSRQTMEDLISSWQYDHLTATYLLL
LAKKARLEHHHHHH
;
_entity_poly.pdbx_strand_id   A
#
loop_
_chem_comp.id
_chem_comp.type
_chem_comp.name
_chem_comp.formula
ANP non-polymer 'PHOSPHOAMINOPHOSPHONIC ACID-ADENYLATE ESTER' 'C10 H17 N6 O12 P3'
SO4 non-polymer 'SULFATE ION' 'O4 S -2'
#
# COMPACT_ATOMS: atom_id res chain seq x y z
N LYS A 2 6.63 11.10 27.26
CA LYS A 2 5.43 11.92 27.31
C LYS A 2 4.33 11.29 26.45
N ASP A 3 4.15 11.81 25.24
CA ASP A 3 3.33 11.11 24.26
C ASP A 3 4.06 9.82 23.91
N TYR A 4 5.38 9.86 24.08
CA TYR A 4 6.24 8.74 23.72
C TYR A 4 6.36 7.69 24.83
N ASP A 5 6.04 8.08 26.05
CA ASP A 5 6.21 7.18 27.20
C ASP A 5 5.30 5.96 27.10
N GLU A 6 4.06 6.18 26.70
CA GLU A 6 3.11 5.09 26.53
C GLU A 6 3.58 4.20 25.37
N LEU A 7 4.07 4.81 24.30
CA LEU A 7 4.59 4.08 23.16
C LEU A 7 5.79 3.24 23.54
N LEU A 8 6.65 3.79 24.38
CA LEU A 8 7.90 3.12 24.76
C LEU A 8 7.65 1.98 25.72
N LYS A 9 6.41 1.82 26.16
CA LYS A 9 6.02 0.63 26.92
C LYS A 9 6.10 -0.59 26.01
N TYR A 10 5.86 -0.39 24.72
CA TYR A 10 5.68 -1.50 23.79
C TYR A 10 6.75 -1.57 22.71
N TYR A 11 7.37 -0.43 22.41
CA TYR A 11 8.34 -0.37 21.32
C TYR A 11 9.59 0.37 21.72
N GLU A 12 10.73 -0.07 21.20
CA GLU A 12 11.94 0.73 21.31
C GLU A 12 12.25 1.31 19.92
N LEU A 13 12.42 2.62 19.91
CA LEU A 13 12.55 3.38 18.70
C LEU A 13 13.95 3.42 18.11
N TYR A 14 14.01 3.22 16.83
CA TYR A 14 15.20 3.32 16.07
C TYR A 14 15.20 4.62 15.29
N GLU A 15 15.96 4.71 14.25
CA GLU A 15 16.04 5.91 13.43
C GLU A 15 14.87 6.28 12.55
N THR A 16 14.74 7.55 12.27
CA THR A 16 13.81 8.01 11.24
C THR A 16 14.24 7.37 9.93
N ILE A 17 13.28 6.81 9.18
CA ILE A 17 13.57 6.15 7.90
C ILE A 17 12.83 6.80 6.75
N GLY A 18 11.87 7.67 7.04
CA GLY A 18 11.15 8.37 6.01
C GLY A 18 10.29 9.51 6.53
N THR A 19 9.92 10.42 5.64
CA THR A 19 8.96 11.47 5.99
C THR A 19 8.05 11.73 4.82
N GLY A 20 6.98 12.45 5.12
CA GLY A 20 5.95 12.78 4.16
C GLY A 20 5.30 14.07 4.59
N GLY A 21 4.17 14.39 3.97
CA GLY A 21 3.46 15.62 4.28
C GLY A 21 2.76 15.61 5.63
N PHE A 22 2.58 14.42 6.21
CA PHE A 22 1.80 14.28 7.44
C PHE A 22 2.62 13.61 8.53
N ALA A 23 3.47 12.66 8.12
CA ALA A 23 4.13 11.79 9.08
C ALA A 23 5.65 11.77 9.01
N LYS A 24 6.21 11.54 10.18
CA LYS A 24 7.59 11.15 10.32
C LYS A 24 7.53 9.66 10.60
N VAL A 25 8.31 8.87 9.86
CA VAL A 25 8.23 7.42 10.00
C VAL A 25 9.52 6.85 10.55
N LYS A 26 9.39 6.14 11.67
CA LYS A 26 10.52 5.61 12.41
C LYS A 26 10.55 4.09 12.34
N LEU A 27 11.75 3.55 12.20
CA LEU A 27 11.93 2.14 12.40
C LEU A 27 11.80 1.90 13.89
N ALA A 28 11.24 0.76 14.29
CA ALA A 28 11.14 0.43 15.72
C ALA A 28 11.12 -1.05 15.89
N CYS A 29 11.22 -1.49 17.13
CA CYS A 29 11.20 -2.92 17.43
C CYS A 29 10.16 -3.17 18.50
N HIS A 30 9.20 -4.03 18.19
CA HIS A 30 8.19 -4.43 19.15
C HIS A 30 8.89 -5.31 20.15
N VAL A 31 8.91 -4.89 21.41
CA VAL A 31 9.78 -5.50 22.39
C VAL A 31 9.43 -6.96 22.69
N LEU A 32 8.16 -7.23 22.95
CA LEU A 32 7.69 -8.57 23.33
C LEU A 32 8.03 -9.66 22.34
N THR A 33 7.95 -9.34 21.05
CA THR A 33 8.12 -10.33 19.99
C THR A 33 9.47 -10.21 19.30
N GLY A 34 10.13 -9.06 19.45
CA GLY A 34 11.40 -8.82 18.77
C GLY A 34 11.23 -8.39 17.33
N GLU A 35 9.99 -8.27 16.85
CA GLU A 35 9.75 -7.94 15.44
C GLU A 35 9.97 -6.46 15.17
N MET A 36 10.62 -6.18 14.05
CA MET A 36 10.83 -4.80 13.59
C MET A 36 9.55 -4.30 12.96
N VAL A 37 9.27 -3.01 13.13
CA VAL A 37 8.13 -2.38 12.50
C VAL A 37 8.50 -0.98 12.06
N ALA A 38 7.59 -0.37 11.30
CA ALA A 38 7.67 1.04 10.94
C ALA A 38 6.53 1.79 11.61
N ILE A 39 6.84 2.89 12.29
CA ILE A 39 5.83 3.66 13.00
C ILE A 39 5.65 5.03 12.37
N LYS A 40 4.43 5.31 11.91
CA LYS A 40 4.07 6.66 11.49
C LYS A 40 3.70 7.50 12.69
N ILE A 41 4.38 8.63 12.83
CA ILE A 41 4.16 9.58 13.90
C ILE A 41 3.51 10.81 13.30
N MET A 42 2.34 11.18 13.80
CA MET A 42 1.65 12.38 13.35
C MET A 42 1.29 13.27 14.51
N ASP A 43 1.46 14.57 14.30
CA ASP A 43 1.08 15.55 15.29
C ASP A 43 -0.29 16.11 14.96
N LYS A 44 -1.22 15.93 15.89
CA LYS A 44 -2.59 16.37 15.71
C LYS A 44 -2.67 17.89 15.52
N ASN A 45 -1.90 18.63 16.31
CA ASN A 45 -1.96 20.09 16.28
C ASN A 45 -1.45 20.64 14.97
N ALA A 46 -0.36 20.06 14.49
CA ALA A 46 0.23 20.42 13.21
C ALA A 46 -0.66 20.01 12.03
N LEU A 47 -1.29 18.84 12.13
CA LEU A 47 -2.20 18.38 11.08
C LEU A 47 -3.43 19.28 11.02
N GLY A 48 -3.96 19.60 12.19
CA GLY A 48 -5.11 20.47 12.30
C GLY A 48 -6.33 20.01 11.52
N SER A 49 -6.74 20.82 10.56
CA SER A 49 -7.95 20.53 9.79
C SER A 49 -7.76 19.33 8.85
N ASP A 50 -6.51 18.88 8.68
CA ASP A 50 -6.20 17.73 7.82
C ASP A 50 -6.29 16.41 8.54
N LEU A 51 -6.59 16.44 9.84
CA LEU A 51 -6.65 15.25 10.66
C LEU A 51 -7.58 14.13 10.14
N PRO A 52 -8.71 14.49 9.51
CA PRO A 52 -9.62 13.44 9.00
C PRO A 52 -8.93 12.46 8.05
N ARG A 53 -7.89 12.92 7.38
CA ARG A 53 -7.15 12.11 6.44
C ARG A 53 -6.57 10.92 7.18
N VAL A 54 -6.14 11.16 8.41
CA VAL A 54 -5.48 10.14 9.20
C VAL A 54 -6.50 9.11 9.67
N LYS A 55 -7.63 9.60 10.15
CA LYS A 55 -8.66 8.72 10.66
C LYS A 55 -9.27 7.94 9.50
N THR A 56 -9.22 8.55 8.32
CA THR A 56 -9.58 7.93 7.07
C THR A 56 -8.64 6.76 6.77
N GLU A 57 -7.35 7.07 6.69
CA GLU A 57 -6.35 6.03 6.43
C GLU A 57 -6.48 4.89 7.45
N ILE A 58 -6.70 5.26 8.71
CA ILE A 58 -6.73 4.28 9.79
C ILE A 58 -7.92 3.34 9.67
N ASP A 59 -9.10 3.91 9.45
CA ASP A 59 -10.29 3.06 9.26
C ASP A 59 -10.21 2.22 7.97
N ALA A 60 -9.60 2.76 6.92
CA ALA A 60 -9.39 1.97 5.72
C ALA A 60 -8.52 0.76 6.04
N LEU A 61 -7.36 1.03 6.61
CA LEU A 61 -6.40 -0.02 6.85
C LEU A 61 -6.91 -1.08 7.81
N LYS A 62 -7.73 -0.68 8.77
CA LYS A 62 -8.32 -1.69 9.67
C LYS A 62 -9.21 -2.72 8.98
N SER A 63 -9.73 -2.40 7.81
CA SER A 63 -10.58 -3.33 7.07
C SER A 63 -9.87 -3.91 5.84
N LEU A 64 -8.56 -3.66 5.70
CA LEU A 64 -7.81 -4.23 4.59
C LEU A 64 -6.74 -5.14 5.15
N ARG A 65 -6.62 -6.33 4.56
CA ARG A 65 -5.64 -7.31 4.99
C ARG A 65 -5.31 -8.15 3.77
N HIS A 66 -4.07 -8.10 3.31
CA HIS A 66 -3.73 -8.62 1.99
C HIS A 66 -2.20 -8.63 1.76
N GLN A 67 -1.75 -9.56 0.93
CA GLN A 67 -0.33 -9.81 0.77
C GLN A 67 0.38 -8.55 0.30
N HIS A 68 -0.31 -7.74 -0.49
CA HIS A 68 0.30 -6.56 -1.10
C HIS A 68 -0.23 -5.29 -0.49
N ILE A 69 -0.78 -5.39 0.71
CA ILE A 69 -1.14 -4.21 1.48
C ILE A 69 -0.28 -4.23 2.74
N CYS A 70 0.41 -3.11 2.97
CA CYS A 70 1.22 -2.93 4.17
C CYS A 70 0.32 -2.97 5.42
N GLN A 71 0.55 -3.95 6.27
CA GLN A 71 -0.34 -4.26 7.38
C GLN A 71 -0.24 -3.26 8.53
N LEU A 72 -1.39 -2.94 9.08
CA LEU A 72 -1.49 -2.11 10.25
C LEU A 72 -1.61 -3.01 11.46
N TYR A 73 -0.78 -2.76 12.48
CA TYR A 73 -0.70 -3.62 13.67
C TYR A 73 -1.31 -2.97 14.90
N HIS A 74 -1.19 -1.65 15.01
CA HIS A 74 -1.42 -0.98 16.28
C HIS A 74 -1.72 0.50 16.01
N VAL A 75 -2.74 1.03 16.68
CA VAL A 75 -3.01 2.47 16.60
C VAL A 75 -3.03 3.05 18.00
N LEU A 76 -2.26 4.11 18.20
CA LEU A 76 -2.10 4.68 19.51
C LEU A 76 -2.25 6.19 19.46
N GLU A 77 -3.18 6.71 20.26
CA GLU A 77 -3.41 8.13 20.34
C GLU A 77 -3.04 8.63 21.73
N THR A 78 -2.29 9.73 21.78
CA THR A 78 -1.92 10.41 23.01
C THR A 78 -2.46 11.83 22.89
N LYS A 79 -2.01 12.74 23.73
CA LYS A 79 -2.58 14.08 23.75
C LYS A 79 -2.32 14.82 22.44
N ASN A 80 -1.10 14.68 21.94
CA ASN A 80 -0.67 15.45 20.78
C ASN A 80 -0.33 14.63 19.55
N LYS A 81 -0.32 13.30 19.69
CA LYS A 81 0.20 12.45 18.63
C LYS A 81 -0.70 11.27 18.26
N ILE A 82 -0.64 10.89 17.00
CA ILE A 82 -1.17 9.60 16.59
C ILE A 82 -0.03 8.76 16.05
N PHE A 83 0.03 7.53 16.55
CA PHE A 83 1.01 6.54 16.13
C PHE A 83 0.35 5.41 15.36
N MET A 84 0.83 5.13 14.16
CA MET A 84 0.38 3.96 13.39
C MET A 84 1.55 3.03 13.20
N VAL A 85 1.45 1.83 13.76
CA VAL A 85 2.51 0.84 13.66
C VAL A 85 2.25 -0.10 12.49
N LEU A 86 3.20 -0.15 11.56
CA LEU A 86 3.00 -0.82 10.29
C LEU A 86 4.05 -1.90 10.02
N GLU A 87 3.71 -2.77 9.07
CA GLU A 87 4.66 -3.72 8.51
C GLU A 87 5.88 -2.98 7.96
N TYR A 88 7.06 -3.35 8.45
CA TYR A 88 8.31 -2.76 7.98
C TYR A 88 8.70 -3.32 6.62
N CYS A 89 8.86 -2.43 5.65
CA CYS A 89 9.27 -2.80 4.30
C CYS A 89 10.63 -2.14 4.04
N PRO A 90 11.73 -2.92 4.15
CA PRO A 90 13.10 -2.37 4.02
C PRO A 90 13.62 -2.16 2.60
N GLY A 91 12.89 -2.65 1.58
CA GLY A 91 13.35 -2.58 0.20
C GLY A 91 13.18 -1.20 -0.42
N GLY A 92 12.57 -0.29 0.30
CA GLY A 92 12.36 1.06 -0.21
C GLY A 92 11.28 1.14 -1.28
N GLU A 93 11.14 2.33 -1.87
CA GLU A 93 10.06 2.61 -2.79
C GLU A 93 10.34 2.06 -4.18
N LEU A 94 9.27 1.67 -4.88
CA LEU A 94 9.35 1.32 -6.29
C LEU A 94 10.01 2.45 -7.09
N PHE A 95 9.78 3.68 -6.65
CA PHE A 95 10.32 4.88 -7.27
C PHE A 95 11.87 4.77 -7.41
N ASP A 96 12.52 4.51 -6.29
CA ASP A 96 13.98 4.44 -6.29
C ASP A 96 14.49 3.27 -7.11
N TYR A 97 13.74 2.19 -7.10
CA TYR A 97 14.11 1.02 -7.89
C TYR A 97 14.13 1.35 -9.39
N ILE A 98 13.05 2.00 -9.85
CA ILE A 98 12.95 2.39 -11.25
C ILE A 98 14.13 3.25 -11.65
N ILE A 99 14.38 4.29 -10.85
CA ILE A 99 15.53 5.14 -11.10
C ILE A 99 16.84 4.34 -11.13
N SER A 100 16.95 3.33 -10.27
CA SER A 100 18.15 2.50 -10.25
C SER A 100 18.34 1.74 -11.56
N GLN A 101 17.24 1.22 -12.10
CA GLN A 101 17.29 0.45 -13.35
C GLN A 101 17.09 1.31 -14.60
N ASP A 102 16.82 2.60 -14.41
CA ASP A 102 16.53 3.51 -15.51
C ASP A 102 15.13 3.21 -16.06
N ARG A 103 14.94 1.99 -16.55
CA ARG A 103 13.61 1.47 -16.79
C ARG A 103 13.63 -0.03 -16.59
N LEU A 104 12.46 -0.58 -16.27
CA LEU A 104 12.31 -2.01 -16.17
C LEU A 104 12.04 -2.62 -17.53
N SER A 105 12.54 -3.83 -17.75
CA SER A 105 12.14 -4.65 -18.87
C SER A 105 10.62 -4.85 -18.84
N GLU A 106 10.05 -5.17 -19.99
CA GLU A 106 8.63 -5.42 -20.10
C GLU A 106 8.23 -6.57 -19.17
N GLU A 107 9.11 -7.57 -19.10
CA GLU A 107 8.89 -8.77 -18.28
C GLU A 107 8.79 -8.44 -16.78
N GLU A 108 9.77 -7.69 -16.27
CA GLU A 108 9.77 -7.31 -14.86
C GLU A 108 8.66 -6.29 -14.56
N THR A 109 8.36 -5.47 -15.56
CA THR A 109 7.22 -4.57 -15.48
C THR A 109 5.96 -5.39 -15.25
N ARG A 110 5.78 -6.47 -16.03
CA ARG A 110 4.61 -7.33 -15.84
C ARG A 110 4.58 -7.95 -14.43
N VAL A 111 5.72 -8.43 -13.97
CA VAL A 111 5.78 -8.97 -12.60
C VAL A 111 5.32 -7.95 -11.55
N VAL A 112 5.79 -6.70 -11.66
CA VAL A 112 5.47 -5.66 -10.70
C VAL A 112 3.99 -5.25 -10.82
N PHE A 113 3.58 -5.05 -12.07
CA PHE A 113 2.24 -4.58 -12.38
C PHE A 113 1.18 -5.55 -11.88
N ARG A 114 1.42 -6.84 -12.05
CA ARG A 114 0.46 -7.83 -11.52
C ARG A 114 0.25 -7.72 -10.00
N GLN A 115 1.31 -7.41 -9.27
CA GLN A 115 1.20 -7.21 -7.83
C GLN A 115 0.41 -5.93 -7.52
N ILE A 116 0.73 -4.88 -8.25
CA ILE A 116 -0.04 -3.64 -8.05
C ILE A 116 -1.51 -3.89 -8.31
N LEU A 117 -1.78 -4.64 -9.38
CA LEU A 117 -3.12 -4.90 -9.81
C LEU A 117 -3.86 -5.72 -8.78
N SER A 118 -3.17 -6.72 -8.23
CA SER A 118 -3.69 -7.53 -7.12
C SER A 118 -4.16 -6.67 -5.94
N ALA A 119 -3.28 -5.81 -5.49
CA ALA A 119 -3.59 -4.91 -4.38
C ALA A 119 -4.82 -4.01 -4.68
N VAL A 120 -4.78 -3.29 -5.81
CA VAL A 120 -5.84 -2.33 -6.14
C VAL A 120 -7.18 -3.05 -6.38
N ALA A 121 -7.15 -4.20 -7.04
CA ALA A 121 -8.39 -4.93 -7.26
C ALA A 121 -8.97 -5.37 -5.92
N TYR A 122 -8.11 -5.82 -5.02
CA TYR A 122 -8.59 -6.16 -3.67
C TYR A 122 -9.23 -4.93 -2.98
N VAL A 123 -8.54 -3.81 -3.07
CA VAL A 123 -9.02 -2.60 -2.43
C VAL A 123 -10.41 -2.27 -2.97
N HIS A 124 -10.60 -2.36 -4.27
CA HIS A 124 -11.92 -2.11 -4.84
C HIS A 124 -12.94 -3.14 -4.34
N SER A 125 -12.52 -4.40 -4.27
CA SER A 125 -13.38 -5.47 -3.77
C SER A 125 -13.93 -5.12 -2.39
N GLN A 126 -13.14 -4.38 -1.61
CA GLN A 126 -13.64 -3.84 -0.33
C GLN A 126 -14.36 -2.47 -0.39
N GLY A 127 -14.68 -1.99 -1.58
CA GLY A 127 -15.49 -0.78 -1.72
C GLY A 127 -14.70 0.52 -1.77
N TYR A 128 -13.37 0.45 -1.83
CA TYR A 128 -12.55 1.67 -1.82
C TYR A 128 -11.89 1.99 -3.14
N ALA A 129 -11.46 3.23 -3.27
CA ALA A 129 -10.56 3.63 -4.33
C ALA A 129 -9.38 4.26 -3.63
N HIS A 130 -8.17 4.03 -4.12
CA HIS A 130 -6.99 4.49 -3.40
C HIS A 130 -6.83 6.00 -3.62
N ARG A 131 -6.81 6.40 -4.89
CA ARG A 131 -6.77 7.82 -5.31
C ARG A 131 -5.39 8.48 -5.25
N ASP A 132 -4.39 7.78 -4.73
CA ASP A 132 -3.02 8.28 -4.70
C ASP A 132 -2.02 7.18 -5.11
N LEU A 133 -2.34 6.45 -6.18
CA LEU A 133 -1.45 5.39 -6.65
C LEU A 133 -0.28 5.95 -7.45
N LYS A 134 0.92 5.51 -7.10
CA LYS A 134 2.14 6.01 -7.69
C LYS A 134 3.31 5.25 -7.07
N PRO A 135 4.47 5.28 -7.72
CA PRO A 135 5.59 4.44 -7.28
C PRO A 135 6.10 4.76 -5.87
N GLU A 136 5.86 5.97 -5.38
CA GLU A 136 6.27 6.35 -4.03
C GLU A 136 5.44 5.66 -2.95
N ASN A 137 4.25 5.23 -3.32
CA ASN A 137 3.33 4.59 -2.39
C ASN A 137 3.32 3.07 -2.54
N LEU A 138 4.37 2.52 -3.16
CA LEU A 138 4.54 1.10 -3.26
C LEU A 138 5.92 0.75 -2.75
N LEU A 139 5.96 -0.09 -1.71
CA LEU A 139 7.21 -0.40 -1.02
C LEU A 139 7.61 -1.85 -1.20
N PHE A 140 8.90 -2.08 -1.28
CA PHE A 140 9.42 -3.43 -1.35
C PHE A 140 9.65 -3.98 0.03
N ASP A 141 9.18 -5.19 0.26
CA ASP A 141 9.46 -5.87 1.50
C ASP A 141 10.76 -6.67 1.36
N GLU A 142 11.03 -7.51 2.36
CA GLU A 142 12.29 -8.24 2.48
C GLU A 142 12.48 -9.22 1.33
N ASN A 143 11.38 -9.68 0.72
CA ASN A 143 11.43 -10.67 -0.35
C ASN A 143 11.19 -10.06 -1.71
N HIS A 144 11.38 -8.75 -1.81
CA HIS A 144 11.20 -8.00 -3.05
C HIS A 144 9.74 -8.07 -3.57
N LYS A 145 8.80 -8.15 -2.63
CA LYS A 145 7.36 -8.11 -2.94
C LYS A 145 6.78 -6.77 -2.58
N LEU A 146 5.86 -6.29 -3.42
CA LEU A 146 5.32 -4.95 -3.26
C LEU A 146 4.23 -4.85 -2.23
N LYS A 147 4.24 -3.75 -1.50
CA LYS A 147 3.27 -3.44 -0.48
C LYS A 147 2.75 -2.02 -0.66
N LEU A 148 1.45 -1.89 -0.90
CA LEU A 148 0.83 -0.59 -1.10
C LEU A 148 0.68 0.16 0.24
N ILE A 149 0.94 1.46 0.24
CA ILE A 149 0.81 2.27 1.45
C ILE A 149 0.00 3.53 1.20
N ASP A 150 -0.09 4.36 2.23
CA ASP A 150 -0.65 5.72 2.15
C ASP A 150 -2.11 5.74 1.69
N PHE A 151 -3.00 5.37 2.63
CA PHE A 151 -4.41 5.18 2.37
C PHE A 151 -5.30 6.32 2.88
N GLY A 152 -4.72 7.51 3.04
CA GLY A 152 -5.42 8.64 3.62
C GLY A 152 -6.40 9.30 2.68
N LEU A 153 -6.32 8.98 1.38
CA LEU A 153 -7.25 9.51 0.38
C LEU A 153 -8.25 8.45 -0.06
N CYS A 154 -8.20 7.28 0.56
CA CYS A 154 -9.21 6.26 0.33
C CYS A 154 -10.59 6.87 0.41
N ALA A 155 -11.38 6.65 -0.64
CA ALA A 155 -12.77 7.06 -0.64
C ALA A 155 -13.61 5.82 -0.81
N LYS A 156 -14.78 5.81 -0.18
CA LYS A 156 -15.80 4.80 -0.45
C LYS A 156 -16.97 5.39 -1.23
N CYS A 169 -7.36 15.10 -5.88
CA CYS A 169 -7.06 13.99 -4.98
C CYS A 169 -5.81 13.25 -5.43
N GLY A 170 -4.68 13.54 -4.81
CA GLY A 170 -3.42 12.87 -5.14
C GLY A 170 -2.55 13.62 -6.13
N SER A 171 -1.33 13.13 -6.34
CA SER A 171 -0.37 13.75 -7.26
C SER A 171 -0.91 13.91 -8.69
N LEU A 172 -0.77 15.13 -9.19
CA LEU A 172 -1.35 15.56 -10.45
C LEU A 172 -0.94 14.70 -11.63
N ALA A 173 0.36 14.45 -11.75
CA ALA A 173 0.88 13.66 -12.87
C ALA A 173 0.24 12.28 -12.92
N TYR A 174 -0.35 11.83 -11.81
CA TYR A 174 -0.97 10.50 -11.75
C TYR A 174 -2.49 10.61 -11.67
N ALA A 175 -2.98 11.85 -11.65
CA ALA A 175 -4.40 12.11 -11.42
C ALA A 175 -5.16 12.04 -12.72
N ALA A 176 -6.32 11.41 -12.66
CA ALA A 176 -7.14 11.23 -13.84
C ALA A 176 -7.79 12.57 -14.21
N PRO A 177 -8.14 12.74 -15.49
CA PRO A 177 -8.81 13.96 -15.96
C PRO A 177 -10.14 14.26 -15.23
N GLU A 178 -11.02 13.27 -15.13
CA GLU A 178 -12.34 13.47 -14.55
C GLU A 178 -12.27 13.88 -13.10
N LEU A 179 -11.07 13.83 -12.54
CA LEU A 179 -10.88 14.02 -11.11
C LEU A 179 -10.21 15.36 -10.84
N ILE A 180 -9.58 15.93 -11.86
CA ILE A 180 -8.88 17.20 -11.68
C ILE A 180 -9.72 18.37 -12.18
N GLN A 181 -10.97 18.08 -12.53
CA GLN A 181 -11.94 19.13 -12.82
C GLN A 181 -13.27 18.79 -12.17
N GLY A 187 -14.67 6.41 -9.38
CA GLY A 187 -13.50 6.32 -8.52
C GLY A 187 -12.61 5.14 -8.88
N SER A 188 -13.21 4.13 -9.51
CA SER A 188 -12.46 2.97 -9.98
C SER A 188 -11.66 3.32 -11.24
N GLU A 189 -12.35 3.99 -12.17
CA GLU A 189 -11.74 4.42 -13.42
C GLU A 189 -10.49 5.27 -13.15
N ALA A 190 -10.57 6.12 -12.13
CA ALA A 190 -9.43 6.94 -11.74
C ALA A 190 -8.18 6.11 -11.36
N ASP A 191 -8.38 5.08 -10.55
CA ASP A 191 -7.29 4.20 -10.13
C ASP A 191 -6.72 3.50 -11.36
N VAL A 192 -7.61 3.10 -12.26
CA VAL A 192 -7.16 2.51 -13.52
C VAL A 192 -6.23 3.46 -14.29
N TRP A 193 -6.67 4.72 -14.44
CA TRP A 193 -5.82 5.74 -15.05
C TRP A 193 -4.45 5.78 -14.38
N SER A 194 -4.45 5.92 -13.06
CA SER A 194 -3.18 6.04 -12.34
C SER A 194 -2.26 4.83 -12.56
N MET A 195 -2.87 3.65 -12.58
CA MET A 195 -2.14 2.42 -12.88
C MET A 195 -1.57 2.47 -14.29
N GLY A 196 -2.30 3.09 -15.22
CA GLY A 196 -1.78 3.32 -16.56
C GLY A 196 -0.51 4.18 -16.52
N ILE A 197 -0.61 5.30 -15.83
CA ILE A 197 0.56 6.18 -15.67
C ILE A 197 1.76 5.41 -15.08
N LEU A 198 1.47 4.62 -14.06
CA LEU A 198 2.48 3.78 -13.40
C LEU A 198 3.10 2.80 -14.37
N LEU A 199 2.26 2.15 -15.16
CA LEU A 199 2.75 1.22 -16.17
C LEU A 199 3.76 1.91 -17.10
N TYR A 200 3.33 3.07 -17.59
CA TYR A 200 4.15 3.86 -18.47
C TYR A 200 5.50 4.13 -17.83
N VAL A 201 5.46 4.59 -16.59
CA VAL A 201 6.67 4.92 -15.85
C VAL A 201 7.58 3.70 -15.69
N LEU A 202 7.01 2.55 -15.34
CA LEU A 202 7.82 1.34 -15.18
C LEU A 202 8.54 1.01 -16.46
N MET A 203 7.80 1.01 -17.57
CA MET A 203 8.41 0.64 -18.85
C MET A 203 9.29 1.72 -19.46
N CYS A 204 9.03 3.00 -19.17
CA CYS A 204 9.74 4.09 -19.85
C CYS A 204 10.81 4.81 -19.04
N GLY A 205 10.65 4.90 -17.72
CA GLY A 205 11.61 5.60 -16.88
C GLY A 205 11.26 7.06 -16.68
N PHE A 206 10.19 7.52 -17.33
CA PHE A 206 9.72 8.89 -17.17
C PHE A 206 8.20 8.94 -17.31
N LEU A 207 7.63 10.10 -17.04
CA LEU A 207 6.19 10.29 -17.09
C LEU A 207 5.74 10.58 -18.50
N PRO A 208 4.52 10.18 -18.85
CA PRO A 208 3.95 10.49 -20.17
C PRO A 208 3.49 11.96 -20.24
N PHE A 209 3.02 12.48 -19.10
CA PHE A 209 2.60 13.87 -18.98
C PHE A 209 3.40 14.55 -17.88
N ASP A 210 4.27 15.48 -18.27
CA ASP A 210 5.18 16.09 -17.31
C ASP A 210 5.44 17.56 -17.60
N ASP A 211 5.42 18.38 -16.56
CA ASP A 211 5.69 19.78 -16.71
C ASP A 211 5.88 20.44 -15.36
N ASP A 212 6.79 21.42 -15.30
CA ASP A 212 7.00 22.21 -14.09
C ASP A 212 5.81 23.17 -13.92
N ASN A 213 5.14 23.46 -15.03
CA ASN A 213 4.00 24.36 -15.05
C ASN A 213 2.69 23.60 -14.89
N VAL A 214 1.93 23.88 -13.83
CA VAL A 214 0.76 23.07 -13.52
C VAL A 214 -0.34 23.23 -14.58
N MET A 215 -0.46 24.43 -15.14
CA MET A 215 -1.45 24.67 -16.17
C MET A 215 -1.08 23.85 -17.40
N ALA A 216 0.19 23.88 -17.75
CA ALA A 216 0.68 23.16 -18.91
C ALA A 216 0.43 21.67 -18.70
N LEU A 217 0.83 21.18 -17.54
CA LEU A 217 0.66 19.77 -17.19
C LEU A 217 -0.81 19.39 -17.28
N TYR A 218 -1.66 20.21 -16.67
CA TYR A 218 -3.11 20.02 -16.74
C TYR A 218 -3.59 19.86 -18.18
N LYS A 219 -3.18 20.79 -19.04
CA LYS A 219 -3.58 20.74 -20.46
C LYS A 219 -3.14 19.42 -21.09
N LYS A 220 -1.89 19.05 -20.85
CA LYS A 220 -1.35 17.77 -21.33
C LYS A 220 -2.19 16.57 -20.91
N ILE A 221 -2.56 16.54 -19.64
CA ILE A 221 -3.42 15.47 -19.14
C ILE A 221 -4.77 15.45 -19.86
N MET A 222 -5.47 16.59 -19.87
CA MET A 222 -6.80 16.64 -20.52
C MET A 222 -6.69 16.24 -21.99
N ARG A 223 -5.54 16.52 -22.58
CA ARG A 223 -5.29 16.16 -23.97
C ARG A 223 -5.05 14.65 -24.20
N GLY A 224 -4.24 14.04 -23.34
CA GLY A 224 -4.09 12.59 -23.36
C GLY A 224 -3.09 12.07 -24.39
N LYS A 225 -2.25 12.96 -24.90
CA LYS A 225 -1.26 12.60 -25.90
C LYS A 225 0.11 12.49 -25.27
N TYR A 226 0.80 11.39 -25.54
CA TYR A 226 2.09 11.14 -24.92
C TYR A 226 3.03 10.48 -25.91
N GLU A 227 4.32 10.60 -25.64
CA GLU A 227 5.31 9.98 -26.47
C GLU A 227 5.26 8.47 -26.22
N VAL A 228 5.47 7.71 -27.30
CA VAL A 228 5.44 6.26 -27.27
C VAL A 228 6.78 5.73 -27.80
N PRO A 229 7.71 5.37 -26.89
CA PRO A 229 9.08 4.98 -27.26
C PRO A 229 9.25 3.64 -28.00
N LYS A 230 10.34 3.54 -28.74
CA LYS A 230 10.55 2.45 -29.70
C LYS A 230 10.67 1.09 -29.05
N TRP A 231 11.05 1.06 -27.79
CA TRP A 231 11.34 -0.22 -27.15
C TRP A 231 10.06 -0.89 -26.65
N LEU A 232 8.94 -0.19 -26.73
CA LEU A 232 7.69 -0.71 -26.19
C LEU A 232 7.03 -1.67 -27.16
N SER A 233 6.46 -2.75 -26.61
CA SER A 233 5.69 -3.71 -27.39
C SER A 233 4.33 -3.13 -27.79
N PRO A 234 3.82 -3.52 -28.97
CA PRO A 234 2.50 -3.11 -29.46
C PRO A 234 1.41 -3.47 -28.45
N SER A 235 1.58 -4.63 -27.81
CA SER A 235 0.65 -5.13 -26.80
C SER A 235 0.56 -4.15 -25.64
N SER A 236 1.72 -3.71 -25.14
CA SER A 236 1.76 -2.79 -24.00
C SER A 236 1.30 -1.40 -24.44
N ILE A 237 1.61 -1.03 -25.68
CA ILE A 237 1.15 0.24 -26.23
C ILE A 237 -0.38 0.32 -26.25
N LEU A 238 -0.97 -0.78 -26.70
CA LEU A 238 -2.42 -0.94 -26.68
C LEU A 238 -2.96 -0.88 -25.25
N LEU A 239 -2.40 -1.69 -24.36
CA LEU A 239 -2.89 -1.68 -22.97
C LEU A 239 -2.87 -0.25 -22.43
N LEU A 240 -1.76 0.46 -22.68
CA LEU A 240 -1.63 1.83 -22.21
C LEU A 240 -2.74 2.69 -22.77
N GLN A 241 -2.97 2.59 -24.07
CA GLN A 241 -4.02 3.41 -24.67
C GLN A 241 -5.41 3.04 -24.14
N GLN A 242 -5.61 1.78 -23.76
CA GLN A 242 -6.86 1.41 -23.07
C GLN A 242 -6.99 1.98 -21.65
N MET A 243 -5.87 2.05 -20.94
CA MET A 243 -5.90 2.59 -19.57
C MET A 243 -5.86 4.11 -19.53
N LEU A 244 -5.28 4.74 -20.55
CA LEU A 244 -5.08 6.19 -20.53
C LEU A 244 -6.07 6.89 -21.43
N GLN A 245 -7.23 6.28 -21.55
CA GLN A 245 -8.38 6.88 -22.19
C GLN A 245 -8.86 8.05 -21.33
N VAL A 246 -8.90 9.25 -21.90
CA VAL A 246 -9.27 10.45 -21.15
C VAL A 246 -10.72 10.38 -20.68
N ASP A 247 -11.57 9.78 -21.50
CA ASP A 247 -12.97 9.55 -21.13
C ASP A 247 -13.06 8.27 -20.29
N PRO A 248 -13.45 8.39 -19.00
CA PRO A 248 -13.54 7.21 -18.13
C PRO A 248 -14.53 6.18 -18.66
N LYS A 249 -15.51 6.62 -19.45
CA LYS A 249 -16.48 5.72 -20.03
C LYS A 249 -15.80 4.77 -21.00
N LYS A 250 -14.73 5.24 -21.62
CA LYS A 250 -14.03 4.47 -22.64
C LYS A 250 -12.83 3.78 -22.05
N ARG A 251 -12.52 4.12 -20.80
CA ARG A 251 -11.36 3.58 -20.13
C ARG A 251 -11.64 2.16 -19.70
N ILE A 252 -10.65 1.29 -19.84
CA ILE A 252 -10.81 -0.11 -19.50
C ILE A 252 -11.20 -0.33 -18.04
N SER A 253 -12.00 -1.35 -17.81
CA SER A 253 -12.45 -1.72 -16.48
C SER A 253 -11.46 -2.67 -15.79
N MET A 254 -11.52 -2.64 -14.46
CA MET A 254 -10.68 -3.43 -13.59
C MET A 254 -10.76 -4.91 -13.97
N ARG A 255 -11.98 -5.40 -14.11
CA ARG A 255 -12.20 -6.80 -14.38
C ARG A 255 -11.47 -7.20 -15.67
N ASN A 256 -11.54 -6.35 -16.70
CA ASN A 256 -10.96 -6.67 -18.00
C ASN A 256 -9.46 -6.46 -18.01
N LEU A 257 -8.99 -5.62 -17.09
CA LEU A 257 -7.57 -5.50 -16.79
C LEU A 257 -7.04 -6.80 -16.15
N LEU A 258 -7.84 -7.41 -15.29
CA LEU A 258 -7.42 -8.62 -14.57
C LEU A 258 -7.15 -9.87 -15.42
N ASN A 259 -7.73 -9.95 -16.61
CA ASN A 259 -7.39 -11.03 -17.54
C ASN A 259 -7.12 -10.47 -18.94
N HIS A 260 -6.49 -9.31 -18.95
CA HIS A 260 -6.07 -8.68 -20.19
C HIS A 260 -4.89 -9.49 -20.75
N PRO A 261 -4.77 -9.58 -22.09
CA PRO A 261 -3.75 -10.44 -22.70
C PRO A 261 -2.31 -10.06 -22.38
N TRP A 262 -2.02 -8.76 -22.33
CA TRP A 262 -0.69 -8.32 -21.90
C TRP A 262 -0.43 -8.83 -20.49
N VAL A 263 -1.41 -8.63 -19.62
CA VAL A 263 -1.31 -9.03 -18.22
C VAL A 263 -1.14 -10.55 -18.12
N MET A 264 -1.82 -11.28 -19.00
CA MET A 264 -1.80 -12.75 -19.01
C MET A 264 -0.64 -13.37 -19.83
N GLN A 265 0.05 -12.56 -20.63
CA GLN A 265 1.22 -13.03 -21.36
C GLN A 265 2.22 -13.81 -20.50
N ASP A 266 2.53 -15.02 -20.94
CA ASP A 266 3.48 -15.91 -20.26
C ASP A 266 2.97 -16.38 -18.90
N TYR A 267 1.64 -16.29 -18.70
CA TYR A 267 1.00 -16.61 -17.44
C TYR A 267 -0.22 -17.52 -17.62
N SER A 268 -0.20 -18.65 -16.91
CA SER A 268 -1.30 -19.60 -16.93
C SER A 268 -2.25 -19.34 -15.76
N CYS A 269 -2.02 -18.23 -15.08
CA CYS A 269 -2.74 -17.88 -13.87
C CYS A 269 -3.31 -16.49 -14.07
N PRO A 270 -4.61 -16.30 -13.82
CA PRO A 270 -5.05 -14.90 -13.83
C PRO A 270 -4.61 -14.26 -12.52
N VAL A 271 -4.73 -12.94 -12.42
CA VAL A 271 -4.19 -12.24 -11.26
C VAL A 271 -4.98 -12.64 -10.04
N GLU A 272 -4.29 -13.17 -9.04
CA GLU A 272 -4.96 -13.50 -7.80
C GLU A 272 -4.93 -12.27 -6.92
N TRP A 273 -6.02 -11.52 -6.99
CA TRP A 273 -6.25 -10.32 -6.21
C TRP A 273 -6.85 -10.68 -4.85
N GLN A 274 -7.40 -11.88 -4.71
CA GLN A 274 -8.04 -12.25 -3.46
C GLN A 274 -7.00 -12.36 -2.36
N SER A 275 -7.39 -12.05 -1.16
CA SER A 275 -6.47 -12.16 -0.09
C SER A 275 -6.03 -13.57 0.19
N LYS A 276 -4.75 -13.72 0.33
CA LYS A 276 -4.17 -14.92 0.83
C LYS A 276 -3.98 -14.92 2.33
N THR A 277 -4.31 -13.87 3.02
CA THR A 277 -4.00 -13.75 4.45
C THR A 277 -5.20 -13.42 5.32
N PRO A 278 -6.40 -13.96 5.01
CA PRO A 278 -7.52 -13.59 5.89
C PRO A 278 -7.33 -14.14 7.28
N LEU A 279 -7.85 -13.44 8.29
CA LEU A 279 -7.84 -13.91 9.67
C LEU A 279 -9.05 -14.77 9.92
N THR A 280 -9.03 -15.98 9.37
CA THR A 280 -10.13 -16.92 9.47
C THR A 280 -10.31 -17.33 10.89
N HIS A 281 -9.20 -17.64 11.54
CA HIS A 281 -9.25 -18.26 12.84
C HIS A 281 -7.89 -18.16 13.53
N LEU A 282 -7.90 -18.20 14.86
CA LEU A 282 -6.73 -17.84 15.65
C LEU A 282 -5.66 -18.94 15.70
N ASP A 283 -4.43 -18.55 15.45
CA ASP A 283 -3.31 -19.47 15.54
C ASP A 283 -3.08 -19.89 16.99
N GLU A 284 -3.05 -21.21 17.20
CA GLU A 284 -2.93 -21.79 18.52
C GLU A 284 -1.63 -21.36 19.20
N ASP A 285 -0.51 -21.55 18.52
CA ASP A 285 0.80 -21.16 19.06
C ASP A 285 0.83 -19.70 19.47
N CYS A 286 0.30 -18.84 18.60
CA CYS A 286 0.33 -17.41 18.86
C CYS A 286 -0.53 -17.06 20.08
N VAL A 287 -1.74 -17.59 20.10
CA VAL A 287 -2.63 -17.44 21.26
C VAL A 287 -1.95 -17.93 22.54
N THR A 288 -1.31 -19.09 22.45
CA THR A 288 -0.63 -19.70 23.58
C THR A 288 0.44 -18.74 24.13
N GLU A 289 1.30 -18.30 23.22
CA GLU A 289 2.38 -17.38 23.54
C GLU A 289 1.84 -16.11 24.18
N LEU A 290 0.71 -15.62 23.67
CA LEU A 290 0.11 -14.43 24.24
C LEU A 290 -0.44 -14.69 25.63
N SER A 291 -1.08 -15.85 25.77
CA SER A 291 -1.78 -16.18 27.00
C SER A 291 -0.79 -16.26 28.16
N VAL A 292 0.38 -16.85 27.90
CA VAL A 292 1.41 -16.87 28.94
C VAL A 292 1.76 -15.47 29.39
N HIS A 293 2.10 -14.59 28.46
CA HIS A 293 2.54 -13.27 28.86
C HIS A 293 1.41 -12.50 29.49
N HIS A 294 0.18 -12.82 29.11
CA HIS A 294 -0.98 -12.11 29.61
C HIS A 294 -1.55 -12.67 30.91
N ARG A 295 -1.14 -13.88 31.29
CA ARG A 295 -1.56 -14.48 32.56
C ARG A 295 -3.04 -14.83 32.49
N SER A 296 -3.47 -15.22 31.30
CA SER A 296 -4.85 -15.59 31.09
C SER A 296 -4.91 -16.87 30.31
N SER A 297 -5.98 -17.62 30.48
CA SER A 297 -6.17 -18.85 29.71
C SER A 297 -6.27 -18.54 28.24
N ARG A 298 -6.07 -19.57 27.43
CA ARG A 298 -6.16 -19.45 25.99
C ARG A 298 -7.56 -19.09 25.53
N GLN A 299 -8.56 -19.61 26.22
CA GLN A 299 -9.95 -19.34 25.92
C GLN A 299 -10.25 -17.83 26.06
N THR A 300 -9.85 -17.32 27.22
CA THR A 300 -9.95 -15.91 27.52
C THR A 300 -9.21 -15.10 26.45
N MET A 301 -7.96 -15.47 26.19
CA MET A 301 -7.18 -14.73 25.20
C MET A 301 -7.89 -14.69 23.85
N GLU A 302 -8.46 -15.83 23.45
CA GLU A 302 -9.23 -15.91 22.20
C GLU A 302 -10.34 -14.87 22.19
N ASP A 303 -11.13 -14.86 23.28
CA ASP A 303 -12.21 -13.88 23.40
C ASP A 303 -11.67 -12.46 23.26
N LEU A 304 -10.55 -12.17 23.92
CA LEU A 304 -9.98 -10.83 23.87
C LEU A 304 -9.51 -10.44 22.48
N ILE A 305 -8.85 -11.36 21.81
CA ILE A 305 -8.22 -11.06 20.54
C ILE A 305 -9.31 -10.80 19.53
N SER A 306 -10.39 -11.56 19.63
CA SER A 306 -11.52 -11.36 18.73
C SER A 306 -12.19 -9.98 18.80
N SER A 307 -11.88 -9.17 19.80
CA SER A 307 -12.43 -7.82 19.90
C SER A 307 -11.69 -6.90 18.93
N TRP A 308 -10.48 -7.30 18.50
CA TRP A 308 -9.71 -6.58 17.48
C TRP A 308 -9.70 -5.06 17.63
N GLN A 309 -9.17 -4.57 18.75
CA GLN A 309 -9.20 -3.14 19.05
C GLN A 309 -8.02 -2.40 18.42
N TYR A 310 -7.12 -3.12 17.78
CA TYR A 310 -5.83 -2.57 17.33
C TYR A 310 -5.09 -1.88 18.47
N ASP A 311 -5.19 -2.50 19.64
CA ASP A 311 -4.42 -2.12 20.79
C ASP A 311 -3.17 -3.01 20.83
N HIS A 312 -2.51 -3.02 21.97
CA HIS A 312 -1.27 -3.77 22.13
C HIS A 312 -1.49 -5.28 21.94
N LEU A 313 -2.63 -5.78 22.38
CA LEU A 313 -2.96 -7.19 22.21
C LEU A 313 -3.05 -7.55 20.72
N THR A 314 -3.82 -6.75 19.98
CA THR A 314 -3.97 -6.99 18.55
C THR A 314 -2.59 -7.00 17.90
N ALA A 315 -1.80 -5.98 18.20
CA ALA A 315 -0.50 -5.85 17.56
C ALA A 315 0.41 -7.03 17.90
N THR A 316 0.39 -7.45 19.17
CA THR A 316 1.23 -8.55 19.59
C THR A 316 0.82 -9.84 18.86
N TYR A 317 -0.49 -10.04 18.75
CA TYR A 317 -1.00 -11.23 18.09
C TYR A 317 -0.58 -11.27 16.62
N LEU A 318 -0.82 -10.17 15.91
CA LEU A 318 -0.48 -10.08 14.48
C LEU A 318 1.02 -10.17 14.21
N LEU A 319 1.83 -9.57 15.09
CA LEU A 319 3.28 -9.66 14.92
C LEU A 319 3.77 -11.09 15.19
N LEU A 320 3.20 -11.74 16.21
CA LEU A 320 3.53 -13.14 16.46
C LEU A 320 3.19 -14.00 15.24
N LEU A 321 2.02 -13.72 14.66
CA LEU A 321 1.61 -14.37 13.41
C LEU A 321 2.60 -14.14 12.26
N ALA A 322 2.98 -12.88 12.03
CA ALA A 322 3.95 -12.57 10.98
C ALA A 322 5.28 -13.30 11.20
N LYS A 323 5.75 -13.28 12.44
CA LYS A 323 6.97 -13.99 12.80
C LYS A 323 6.84 -15.46 12.42
N LYS A 324 5.76 -16.08 12.89
CA LYS A 324 5.53 -17.49 12.60
C LYS A 324 5.55 -17.79 11.12
N ALA A 325 4.85 -16.98 10.33
CA ALA A 325 4.84 -17.17 8.88
C ALA A 325 6.26 -17.12 8.30
N ARG A 326 7.01 -16.08 8.68
CA ARG A 326 8.39 -15.95 8.25
C ARG A 326 9.20 -17.20 8.60
N LEU A 327 9.06 -17.69 9.82
CA LEU A 327 9.76 -18.92 10.23
C LEU A 327 9.32 -20.14 9.44
N GLU A 328 8.02 -20.26 9.21
CA GLU A 328 7.47 -21.39 8.47
C GLU A 328 7.96 -21.39 7.03
N HIS A 329 8.25 -20.21 6.50
CA HIS A 329 8.82 -20.13 5.14
C HIS A 329 10.23 -20.70 5.01
N HIS A 330 10.96 -20.79 6.12
CA HIS A 330 12.33 -21.33 6.13
C HIS A 330 12.41 -22.67 6.85
N HIS A 331 11.26 -23.33 7.00
CA HIS A 331 11.18 -24.60 7.72
C HIS A 331 10.55 -25.69 6.87
PG ANP B . 2.30 11.45 2.09
O1G ANP B . 1.29 11.54 0.98
O2G ANP B . 2.58 12.90 2.66
O3G ANP B . 3.65 10.86 1.51
PB ANP B . 2.51 10.44 4.81
O1B ANP B . 2.86 11.84 5.23
O2B ANP B . 1.54 9.87 5.89
N3B ANP B . 1.69 10.43 3.32
PA ANP B . 3.96 8.18 3.98
O1A ANP B . 3.00 7.19 4.50
O2A ANP B . 3.81 8.51 2.48
O3A ANP B . 3.83 9.57 4.78
O5' ANP B . 5.43 7.67 4.27
C5' ANP B . 6.58 8.51 4.08
C4' ANP B . 7.79 7.67 3.72
O4' ANP B . 8.18 6.86 4.86
C3' ANP B . 7.60 6.67 2.60
O3' ANP B . 7.71 7.25 1.31
C2' ANP B . 8.73 5.68 2.88
O2' ANP B . 9.99 6.22 2.49
C1' ANP B . 8.66 5.60 4.41
N9 ANP B . 7.76 4.56 4.88
C8 ANP B . 6.41 4.65 5.13
N7 ANP B . 5.86 3.54 5.55
C5 ANP B . 6.91 2.64 5.57
C6 ANP B . 6.99 1.27 5.92
N6 ANP B . 5.93 0.55 6.32
N1 ANP B . 8.18 0.66 5.83
C2 ANP B . 9.24 1.37 5.41
N3 ANP B . 9.29 2.66 5.06
C4 ANP B . 8.09 3.23 5.16
HOG2 ANP B . 2.60 13.48 1.99
HOG3 ANP B . 4.10 11.50 1.11
HOB2 ANP B . 1.10 10.53 6.28
HNB1 ANP B . 0.81 10.61 3.46
H5'1 ANP B . 6.75 9.01 4.89
H5'2 ANP B . 6.40 9.14 3.34
H4' ANP B . 8.55 8.25 3.51
H3' ANP B . 6.75 6.23 2.70
H2' ANP B . 8.56 4.81 2.49
HO2' ANP B . 10.55 5.56 2.29
H1' ANP B . 9.56 5.45 4.74
H8 ANP B . 5.92 5.46 5.02
HN61 ANP B . 6.00 -0.36 6.42
HN62 ANP B . 5.13 0.97 6.48
H2 ANP B . 10.08 0.89 5.37
S SO4 C . 16.31 9.86 14.40
O1 SO4 C . 16.70 9.51 13.03
O2 SO4 C . 17.08 11.04 14.82
O3 SO4 C . 14.87 10.15 14.43
O4 SO4 C . 16.57 8.75 15.32
S SO4 D . 1.99 -12.83 -5.49
O1 SO4 D . 1.88 -13.97 -6.40
O2 SO4 D . 3.11 -11.99 -5.94
O3 SO4 D . 0.72 -12.10 -5.47
O4 SO4 D . 2.27 -13.29 -4.12
S SO4 E . 12.41 -5.24 -23.21
O1 SO4 E . 11.77 -5.58 -24.49
O2 SO4 E . 13.81 -4.90 -23.45
O3 SO4 E . 11.75 -4.08 -22.67
O4 SO4 E . 12.32 -6.39 -22.29
S SO4 F . -8.56 -17.14 33.06
O1 SO4 F . -9.65 -17.70 32.24
O2 SO4 F . -7.62 -16.45 32.18
O3 SO4 F . -9.12 -16.14 33.98
O4 SO4 F . -7.91 -18.20 33.82
S SO4 G . -12.74 -7.17 -8.42
O1 SO4 G . -13.49 -8.18 -9.17
O2 SO4 G . -12.35 -6.07 -9.31
O3 SO4 G . -13.58 -6.67 -7.33
O4 SO4 G . -11.54 -7.82 -7.88
S SO4 H . -14.56 -1.92 -9.21
O1 SO4 H . -15.78 -2.26 -9.94
O2 SO4 H . -13.56 -1.40 -10.16
O3 SO4 H . -14.87 -0.89 -8.21
O4 SO4 H . -14.02 -3.12 -8.56
#